data_6YW4
#
_entry.id   6YW4
#
_cell.length_a   46.622
_cell.length_b   46.622
_cell.length_c   203.711
_cell.angle_alpha   90.000
_cell.angle_beta   90.000
_cell.angle_gamma   120.000
#
_symmetry.space_group_name_H-M   'P 65'
#
loop_
_entity.id
_entity.type
_entity.pdbx_description
1 polymer 'Egl nine homolog 1'
2 polymer 'PHD2-SPECIFIC RaPID CYCLIC PEPTIDE 3C (14-MER)'
3 non-polymer 'MANGANESE (II) ION'
4 non-polymer N-OXALYLGLYCINE
5 non-polymer 'SULFATE ION'
6 water water
#
loop_
_entity_poly.entity_id
_entity_poly.type
_entity_poly.pdbx_seq_one_letter_code
_entity_poly.pdbx_strand_id
1 'polypeptide(L)'
;GSHMASPNGQTKPLPALKLALEYIVPAMNKHGICVVDDFLGKETGQQIGDEVRALHDTGKFTDGQLVSQKSDSSKDIRGD
KITWIEGKEPGCETIGLLMSSMDDLIRHCNGKLGSYKINGRTKAMVACYPGNGTGYVRHVDNPNGDGRCVTCIYYLNKDW
DAKVSGGILRIFPEGKAQFADIEPKFDRLLFFWSDRRNPHEVQPAYATRYAITVWYFDADERAAAKVKYLTGE
;
A
2 'polypeptide(L)' (48V)(DTY)VWLTDTWVLSRT B
#
# COMPACT_ATOMS: atom_id res chain seq x y z
N LYS A 12 -4.92 22.92 -5.89
N LYS A 12 -4.57 23.18 -5.90
CA LYS A 12 -4.51 22.83 -4.49
CA LYS A 12 -4.62 22.81 -4.49
C LYS A 12 -3.83 21.51 -4.12
C LYS A 12 -3.81 21.54 -4.19
N PRO A 13 -4.20 20.38 -4.74
CA PRO A 13 -3.36 19.18 -4.59
C PRO A 13 -2.10 19.35 -5.42
N LEU A 14 -0.96 19.02 -4.82
CA LEU A 14 0.30 18.98 -5.59
C LEU A 14 0.14 18.14 -6.86
N PRO A 15 0.66 18.61 -7.98
CA PRO A 15 0.57 17.83 -9.22
C PRO A 15 1.36 16.55 -9.04
N ALA A 16 0.89 15.51 -9.73
CA ALA A 16 1.49 14.19 -9.54
C ALA A 16 2.99 14.19 -9.87
N LEU A 17 3.40 14.85 -10.97
CA LEU A 17 4.81 14.85 -11.33
C LEU A 17 5.68 15.51 -10.26
N LYS A 18 5.24 16.65 -9.72
CA LYS A 18 6.01 17.29 -8.65
C LYS A 18 6.01 16.44 -7.37
N LEU A 19 4.86 15.87 -7.01
CA LEU A 19 4.77 15.01 -5.85
C LEU A 19 5.78 13.87 -5.95
N ALA A 20 5.83 13.24 -7.11
CA ALA A 20 6.77 12.12 -7.29
C ALA A 20 8.22 12.57 -7.18
N LEU A 21 8.62 13.57 -7.97
CA LEU A 21 10.04 13.92 -8.06
C LEU A 21 10.54 14.67 -6.85
N GLU A 22 9.69 15.51 -6.24
CA GLU A 22 10.13 16.36 -5.18
C GLU A 22 9.87 15.78 -3.80
N TYR A 23 9.01 14.75 -3.69
CA TYR A 23 8.78 14.16 -2.39
C TYR A 23 8.93 12.63 -2.39
N ILE A 24 8.21 11.90 -3.24
CA ILE A 24 8.24 10.43 -3.12
C ILE A 24 9.64 9.89 -3.37
N VAL A 25 10.33 10.35 -4.40
CA VAL A 25 11.67 9.86 -4.74
C VAL A 25 12.63 10.15 -3.59
N PRO A 26 12.75 11.39 -3.09
CA PRO A 26 13.72 11.65 -1.99
C PRO A 26 13.34 10.98 -0.67
N ALA A 27 12.04 10.89 -0.37
CA ALA A 27 11.63 10.26 0.86
C ALA A 27 11.93 8.77 0.81
N MET A 28 11.64 8.11 -0.30
CA MET A 28 11.89 6.68 -0.39
C MET A 28 13.35 6.36 -0.38
N ASN A 29 14.16 7.20 -1.06
CA ASN A 29 15.59 6.91 -1.04
C ASN A 29 16.21 7.21 0.33
N LYS A 30 15.64 8.12 1.11
CA LYS A 30 16.17 8.44 2.43
C LYS A 30 15.66 7.50 3.50
N HIS A 31 14.36 7.23 3.51
CA HIS A 31 13.76 6.45 4.57
C HIS A 31 13.26 5.06 4.21
N GLY A 32 12.99 4.79 2.95
CA GLY A 32 12.50 3.48 2.52
C GLY A 32 11.03 3.33 2.75
N ILE A 33 10.37 4.43 3.26
CA ILE A 33 8.94 4.52 3.59
C ILE A 33 8.49 5.88 3.15
N CYS A 34 7.29 6.00 2.60
CA CYS A 34 6.81 7.32 2.19
C CYS A 34 5.30 7.37 2.28
N VAL A 35 4.76 8.25 3.08
CA VAL A 35 3.33 8.44 3.17
C VAL A 35 2.92 9.72 2.44
N VAL A 36 1.90 9.62 1.60
CA VAL A 36 1.20 10.78 1.03
C VAL A 36 -0.21 10.81 1.59
N ASP A 37 -0.52 11.82 2.41
CA ASP A 37 -1.89 11.97 2.82
C ASP A 37 -2.68 12.84 1.84
N ASP A 38 -4.01 12.63 1.88
CA ASP A 38 -4.97 13.36 1.04
C ASP A 38 -4.67 13.13 -0.45
N PHE A 39 -4.45 11.85 -0.79
CA PHE A 39 -3.97 11.51 -2.13
C PHE A 39 -4.97 11.81 -3.24
N LEU A 40 -6.23 11.40 -3.08
CA LEU A 40 -7.25 11.56 -4.10
C LEU A 40 -8.38 12.53 -3.72
N GLY A 41 -8.52 12.85 -2.47
CA GLY A 41 -9.56 13.76 -2.00
C GLY A 41 -10.78 13.03 -1.51
N LYS A 42 -11.67 13.78 -0.83
CA LYS A 42 -12.75 13.14 -0.09
C LYS A 42 -13.75 12.45 -1.03
N GLU A 43 -14.11 13.09 -2.13
CA GLU A 43 -15.13 12.51 -2.99
C GLU A 43 -14.64 11.19 -3.59
N THR A 44 -13.42 11.18 -4.09
CA THR A 44 -12.93 9.96 -4.72
C THR A 44 -12.62 8.89 -3.68
N GLY A 45 -12.04 9.28 -2.54
CA GLY A 45 -11.80 8.32 -1.47
C GLY A 45 -13.09 7.64 -1.03
N GLN A 46 -14.18 8.42 -0.89
CA GLN A 46 -15.45 7.88 -0.49
C GLN A 46 -16.02 6.95 -1.56
N GLN A 47 -15.88 7.31 -2.84
CA GLN A 47 -16.35 6.43 -3.90
C GLN A 47 -15.60 5.11 -3.85
N ILE A 48 -14.29 5.19 -3.65
CA ILE A 48 -13.52 3.94 -3.52
C ILE A 48 -14.06 3.13 -2.35
N GLY A 49 -14.30 3.79 -1.20
CA GLY A 49 -14.91 3.11 -0.09
C GLY A 49 -16.22 2.42 -0.48
N ASP A 50 -17.09 3.13 -1.21
CA ASP A 50 -18.37 2.54 -1.57
C ASP A 50 -18.15 1.29 -2.41
N GLU A 51 -17.17 1.35 -3.33
CA GLU A 51 -16.89 0.21 -4.23
C GLU A 51 -16.36 -0.98 -3.46
N VAL A 52 -15.47 -0.71 -2.51
CA VAL A 52 -14.93 -1.76 -1.67
C VAL A 52 -15.99 -2.36 -0.76
N ARG A 53 -16.83 -1.53 -0.12
CA ARG A 53 -17.93 -2.04 0.70
C ARG A 53 -18.90 -2.84 -0.14
N ALA A 54 -19.07 -2.48 -1.41
CA ALA A 54 -19.97 -3.25 -2.26
C ALA A 54 -19.41 -4.64 -2.53
N LEU A 55 -18.10 -4.72 -2.82
CA LEU A 55 -17.43 -6.03 -2.99
C LEU A 55 -17.58 -6.88 -1.74
N HIS A 56 -17.31 -6.27 -0.56
CA HIS A 56 -17.45 -6.97 0.71
C HIS A 56 -18.87 -7.44 0.95
N ASP A 57 -19.84 -6.55 0.79
CA ASP A 57 -21.24 -6.82 1.15
C ASP A 57 -21.87 -7.86 0.24
N THR A 58 -21.42 -7.94 -0.99
CA THR A 58 -21.91 -8.94 -1.93
C THR A 58 -21.06 -10.20 -1.91
N GLY A 59 -20.23 -10.38 -0.90
CA GLY A 59 -19.57 -11.64 -0.64
C GLY A 59 -18.43 -12.01 -1.57
N LYS A 60 -17.71 -11.03 -2.14
CA LYS A 60 -16.65 -11.34 -3.10
C LYS A 60 -15.30 -11.66 -2.43
N PHE A 61 -15.13 -11.41 -1.13
CA PHE A 61 -13.85 -11.64 -0.45
C PHE A 61 -13.63 -13.12 -0.12
N THR A 62 -12.35 -13.53 -0.07
CA THR A 62 -11.94 -14.84 0.43
C THR A 62 -10.84 -14.75 1.50
N ASP A 63 -10.60 -15.84 2.23
CA ASP A 63 -9.65 -15.79 3.33
C ASP A 63 -8.28 -15.37 2.83
N GLY A 64 -7.67 -14.39 3.51
CA GLY A 64 -6.32 -13.96 3.11
C GLY A 64 -5.28 -14.98 3.45
N GLN A 65 -5.54 -15.79 4.47
CA GLN A 65 -4.64 -16.80 4.97
C GLN A 65 -4.23 -17.79 3.87
N ASP A 76 -1.93 -18.63 13.69
CA ASP A 76 -2.41 -18.05 12.44
C ASP A 76 -1.46 -16.90 12.07
N ILE A 77 -1.32 -16.62 10.77
CA ILE A 77 -0.43 -15.55 10.32
C ILE A 77 -1.21 -14.28 9.98
N ARG A 78 -2.36 -14.38 9.34
CA ARG A 78 -3.11 -13.19 8.92
C ARG A 78 -4.60 -13.43 8.99
N GLY A 79 -5.31 -12.43 9.52
CA GLY A 79 -6.74 -12.60 9.65
C GLY A 79 -7.57 -11.75 8.72
N ASP A 80 -6.99 -11.32 7.59
CA ASP A 80 -7.71 -10.53 6.59
C ASP A 80 -8.46 -11.40 5.58
N LYS A 81 -9.44 -10.77 4.92
N LYS A 81 -9.43 -10.76 4.92
CA LYS A 81 -10.18 -11.33 3.81
CA LYS A 81 -10.19 -11.33 3.81
C LYS A 81 -9.80 -10.50 2.60
C LYS A 81 -9.82 -10.49 2.59
N ILE A 82 -9.61 -11.13 1.44
CA ILE A 82 -9.06 -10.41 0.29
C ILE A 82 -9.83 -10.75 -1.00
N THR A 83 -9.66 -9.88 -1.97
CA THR A 83 -9.99 -10.19 -3.35
C THR A 83 -9.11 -9.40 -4.29
N TRP A 84 -8.89 -9.93 -5.47
CA TRP A 84 -7.99 -9.30 -6.44
C TRP A 84 -8.82 -8.58 -7.51
N ILE A 85 -8.44 -7.34 -7.80
CA ILE A 85 -9.18 -6.48 -8.72
C ILE A 85 -8.22 -6.03 -9.83
N GLU A 86 -8.66 -6.21 -11.06
CA GLU A 86 -7.87 -5.84 -12.21
C GLU A 86 -8.05 -4.38 -12.53
N GLY A 87 -9.25 -3.87 -12.26
CA GLY A 87 -9.57 -2.46 -12.41
C GLY A 87 -10.64 -2.16 -13.44
N LYS A 88 -10.92 -3.10 -14.36
CA LYS A 88 -11.93 -2.88 -15.38
C LYS A 88 -13.25 -3.56 -15.06
N GLU A 89 -13.38 -4.20 -13.92
CA GLU A 89 -14.59 -4.91 -13.62
C GLU A 89 -15.75 -3.93 -13.41
N PRO A 90 -16.98 -4.32 -13.75
CA PRO A 90 -18.12 -3.47 -13.46
C PRO A 90 -18.17 -3.21 -11.97
N GLY A 91 -18.42 -1.96 -11.60
CA GLY A 91 -18.46 -1.58 -10.20
C GLY A 91 -17.14 -1.26 -9.58
N CYS A 92 -16.05 -1.37 -10.32
CA CYS A 92 -14.72 -1.10 -9.77
C CYS A 92 -14.03 0.05 -10.46
N GLU A 93 -14.79 0.94 -11.12
CA GLU A 93 -14.17 1.97 -11.94
C GLU A 93 -13.26 2.89 -11.13
N THR A 94 -13.67 3.28 -9.94
CA THR A 94 -12.85 4.18 -9.14
C THR A 94 -11.63 3.47 -8.57
N ILE A 95 -11.73 2.18 -8.30
CA ILE A 95 -10.54 1.42 -7.90
C ILE A 95 -9.55 1.42 -9.07
N GLY A 96 -10.07 1.24 -10.30
CA GLY A 96 -9.24 1.34 -11.47
C GLY A 96 -8.59 2.70 -11.61
N LEU A 97 -9.32 3.77 -11.26
CA LEU A 97 -8.73 5.12 -11.25
C LEU A 97 -7.59 5.22 -10.25
N LEU A 98 -7.80 4.66 -9.04
CA LEU A 98 -6.74 4.60 -8.04
C LEU A 98 -5.53 3.87 -8.60
N MET A 99 -5.75 2.72 -9.22
CA MET A 99 -4.61 1.97 -9.74
C MET A 99 -3.87 2.75 -10.83
N SER A 100 -4.59 3.44 -11.70
CA SER A 100 -3.88 4.19 -12.72
C SER A 100 -3.15 5.37 -12.11
N SER A 101 -3.70 5.97 -11.02
CA SER A 101 -3.04 7.07 -10.33
C SER A 101 -1.74 6.61 -9.67
N MET A 102 -1.76 5.41 -9.06
CA MET A 102 -0.53 4.81 -8.53
C MET A 102 0.49 4.59 -9.63
N ASP A 103 0.06 4.02 -10.77
CA ASP A 103 0.96 3.75 -11.88
C ASP A 103 1.56 5.04 -12.40
N ASP A 104 0.77 6.14 -12.42
CA ASP A 104 1.28 7.41 -12.92
C ASP A 104 2.40 7.88 -12.03
N LEU A 105 2.21 7.77 -10.69
CA LEU A 105 3.28 8.18 -9.77
C LEU A 105 4.56 7.40 -10.00
N ILE A 106 4.48 6.06 -10.16
CA ILE A 106 5.67 5.25 -10.40
C ILE A 106 6.31 5.63 -11.72
N ARG A 107 5.50 5.92 -12.75
CA ARG A 107 6.10 6.34 -14.05
C ARG A 107 6.82 7.66 -13.90
N HIS A 108 6.23 8.59 -13.16
CA HIS A 108 6.89 9.89 -12.96
C HIS A 108 8.18 9.73 -12.20
N CYS A 109 8.28 8.70 -11.36
CA CYS A 109 9.51 8.50 -10.61
C CYS A 109 10.68 8.23 -11.56
N ASN A 110 10.39 7.85 -12.80
CA ASN A 110 11.37 7.90 -13.87
C ASN A 110 12.64 7.15 -13.50
N GLY A 111 12.49 5.95 -12.97
CA GLY A 111 13.66 5.14 -12.65
C GLY A 111 14.53 5.62 -11.48
N LYS A 112 14.08 6.56 -10.70
CA LYS A 112 14.88 7.12 -9.63
C LYS A 112 14.65 6.45 -8.29
N LEU A 113 13.80 5.43 -8.24
CA LEU A 113 13.55 4.74 -6.97
C LEU A 113 14.65 3.68 -6.90
N GLY A 114 15.63 3.88 -6.05
CA GLY A 114 16.74 3.00 -5.98
C GLY A 114 17.36 2.83 -7.35
N SER A 115 17.80 1.62 -7.66
CA SER A 115 18.31 1.26 -8.98
C SER A 115 17.37 0.31 -9.71
N TYR A 116 16.13 0.21 -9.27
CA TYR A 116 15.16 -0.71 -9.89
C TYR A 116 14.72 -0.24 -11.25
N LYS A 117 14.38 -1.21 -12.09
CA LYS A 117 13.80 -1.00 -13.40
C LYS A 117 12.37 -1.53 -13.28
N ILE A 118 11.43 -0.68 -12.87
CA ILE A 118 10.07 -1.14 -12.60
C ILE A 118 9.33 -1.27 -13.92
N ASN A 119 8.87 -2.47 -14.27
CA ASN A 119 8.16 -2.63 -15.54
C ASN A 119 6.82 -3.36 -15.43
N GLY A 120 6.34 -3.56 -14.24
CA GLY A 120 5.13 -4.37 -14.08
C GLY A 120 4.64 -4.22 -12.67
N ARG A 121 3.53 -4.85 -12.42
CA ARG A 121 2.91 -4.83 -11.09
C ARG A 121 1.91 -5.93 -10.98
N THR A 122 1.47 -6.18 -9.76
CA THR A 122 0.36 -7.04 -9.48
C THR A 122 -0.98 -6.37 -9.80
N LYS A 123 -2.05 -7.17 -9.86
CA LYS A 123 -3.40 -6.68 -9.65
C LYS A 123 -3.50 -6.04 -8.28
N ALA A 124 -4.63 -5.38 -8.02
CA ALA A 124 -4.83 -4.77 -6.71
C ALA A 124 -5.34 -5.79 -5.75
N MET A 125 -4.77 -5.85 -4.58
CA MET A 125 -5.29 -6.71 -3.52
C MET A 125 -6.14 -5.86 -2.62
N VAL A 126 -7.46 -6.07 -2.66
CA VAL A 126 -8.39 -5.37 -1.76
C VAL A 126 -8.49 -6.24 -0.52
N ALA A 127 -8.19 -5.67 0.64
CA ALA A 127 -8.16 -6.43 1.87
C ALA A 127 -8.98 -5.78 2.98
N CYS A 128 -9.62 -6.64 3.77
CA CYS A 128 -10.44 -6.28 4.91
C CYS A 128 -9.95 -7.05 6.10
N TYR A 129 -9.65 -6.33 7.19
CA TYR A 129 -9.50 -6.97 8.50
C TYR A 129 -10.81 -6.73 9.21
N PRO A 130 -11.57 -7.72 9.45
CA PRO A 130 -12.97 -7.56 9.89
C PRO A 130 -13.10 -7.38 11.38
N GLY A 131 -12.31 -6.47 11.90
CA GLY A 131 -12.29 -6.15 13.34
C GLY A 131 -11.94 -7.39 14.14
N ASN A 132 -12.48 -7.45 15.38
CA ASN A 132 -12.35 -8.61 16.24
C ASN A 132 -10.88 -8.98 16.50
N GLY A 133 -9.98 -8.00 16.51
CA GLY A 133 -8.59 -8.21 16.84
C GLY A 133 -7.74 -8.86 15.77
N THR A 134 -8.25 -8.94 14.55
CA THR A 134 -7.53 -9.56 13.44
C THR A 134 -6.37 -8.66 13.03
N GLY A 135 -5.35 -9.28 12.52
CA GLY A 135 -4.18 -8.51 12.08
C GLY A 135 -3.30 -9.40 11.26
N TYR A 136 -2.01 -9.03 11.19
CA TYR A 136 -1.03 -9.78 10.39
C TYR A 136 0.27 -9.78 11.17
N VAL A 137 0.81 -10.95 11.48
CA VAL A 137 2.06 -11.06 12.25
C VAL A 137 3.18 -10.44 11.43
N ARG A 138 4.24 -10.06 12.13
CA ARG A 138 5.41 -9.47 11.49
C ARG A 138 5.94 -10.36 10.37
N HIS A 139 6.13 -9.71 9.23
CA HIS A 139 6.53 -10.44 8.02
C HIS A 139 7.28 -9.47 7.10
N VAL A 140 7.94 -10.04 6.07
CA VAL A 140 8.55 -9.32 4.95
C VAL A 140 7.72 -9.66 3.72
N ASP A 141 7.36 -8.67 2.93
CA ASP A 141 6.53 -9.01 1.77
C ASP A 141 7.26 -9.92 0.82
N ASN A 142 8.49 -9.56 0.46
CA ASN A 142 9.23 -10.32 -0.55
C ASN A 142 10.55 -10.72 0.06
N PRO A 143 10.60 -11.85 0.77
CA PRO A 143 11.84 -12.27 1.41
C PRO A 143 12.65 -13.20 0.50
N ASN A 144 12.07 -13.71 -0.59
CA ASN A 144 12.72 -14.78 -1.35
C ASN A 144 13.09 -14.36 -2.76
N GLY A 145 13.11 -13.07 -3.05
CA GLY A 145 13.58 -12.63 -4.35
C GLY A 145 12.57 -12.81 -5.47
N ASP A 146 11.31 -12.49 -5.21
CA ASP A 146 10.29 -12.82 -6.18
C ASP A 146 10.05 -11.69 -7.21
N GLY A 147 10.81 -10.63 -7.14
CA GLY A 147 10.76 -9.51 -8.03
C GLY A 147 10.06 -8.28 -7.48
N ARG A 148 9.23 -8.42 -6.44
CA ARG A 148 8.49 -7.24 -5.91
C ARG A 148 9.49 -6.33 -5.23
N CYS A 149 9.50 -5.05 -5.64
CA CYS A 149 10.45 -4.11 -5.05
C CYS A 149 9.77 -3.02 -4.24
N VAL A 150 8.57 -2.56 -4.66
CA VAL A 150 7.85 -1.51 -3.93
C VAL A 150 6.45 -1.96 -3.60
N THR A 151 6.05 -1.79 -2.33
CA THR A 151 4.68 -2.04 -1.93
C THR A 151 3.99 -0.73 -1.89
N CYS A 152 2.76 -0.65 -2.47
CA CYS A 152 1.98 0.59 -2.51
C CYS A 152 0.62 0.28 -1.93
N ILE A 153 0.26 0.94 -0.82
CA ILE A 153 -1.00 0.67 -0.15
C ILE A 153 -1.83 1.95 -0.08
N TYR A 154 -3.12 1.85 -0.35
CA TYR A 154 -4.05 2.95 -0.19
C TYR A 154 -5.08 2.60 0.86
N TYR A 155 -5.23 3.47 1.87
CA TYR A 155 -6.18 3.23 2.92
C TYR A 155 -7.42 4.07 2.71
N LEU A 156 -8.56 3.52 3.09
CA LEU A 156 -9.83 4.16 2.76
C LEU A 156 -10.79 4.17 3.91
N ASN A 157 -10.29 4.27 5.15
CA ASN A 157 -11.12 4.12 6.35
C ASN A 157 -11.48 5.49 6.89
N LYS A 158 -12.71 5.91 6.55
CA LYS A 158 -13.22 7.21 6.99
C LYS A 158 -13.21 7.31 8.50
N ASP A 159 -12.56 8.34 9.01
CA ASP A 159 -12.59 8.64 10.44
C ASP A 159 -11.92 7.57 11.28
N TRP A 160 -11.01 6.76 10.71
CA TRP A 160 -10.31 5.77 11.52
C TRP A 160 -9.44 6.46 12.54
N ASP A 161 -9.49 5.98 13.78
CA ASP A 161 -8.64 6.50 14.86
C ASP A 161 -8.09 5.29 15.57
N ALA A 162 -6.78 5.10 15.50
CA ALA A 162 -6.19 3.91 16.09
C ALA A 162 -6.37 3.84 17.58
N LYS A 163 -6.58 5.02 18.23
CA LYS A 163 -6.90 5.03 19.68
C LYS A 163 -8.10 4.18 20.01
N VAL A 164 -9.12 4.19 19.14
CA VAL A 164 -10.32 3.42 19.31
C VAL A 164 -10.20 2.06 18.62
N SER A 165 -9.72 2.03 17.38
CA SER A 165 -9.89 0.86 16.56
C SER A 165 -8.60 0.10 16.27
N GLY A 166 -7.46 0.56 16.75
CA GLY A 166 -6.21 -0.16 16.54
C GLY A 166 -5.80 -0.19 15.08
N GLY A 167 -5.33 -1.35 14.63
CA GLY A 167 -5.05 -1.53 13.21
C GLY A 167 -3.84 -0.78 12.65
N ILE A 168 -2.91 -0.34 13.50
CA ILE A 168 -1.69 0.32 13.01
C ILE A 168 -0.83 -0.65 12.22
N LEU A 169 -0.27 -0.17 11.11
CA LEU A 169 0.81 -0.84 10.44
C LEU A 169 2.10 -0.39 11.10
N ARG A 170 2.80 -1.30 11.75
CA ARG A 170 4.11 -1.00 12.36
C ARG A 170 5.21 -1.60 11.49
N ILE A 171 6.08 -0.73 10.97
CA ILE A 171 7.20 -1.08 10.11
C ILE A 171 8.47 -1.00 10.97
N PHE A 172 9.39 -1.94 10.79
CA PHE A 172 10.64 -2.04 11.54
C PHE A 172 11.82 -1.90 10.58
N PRO A 173 12.08 -0.71 10.08
CA PRO A 173 13.10 -0.57 9.03
C PRO A 173 14.49 -1.01 9.52
N GLU A 174 15.15 -1.79 8.69
CA GLU A 174 16.47 -2.30 9.05
C GLU A 174 17.44 -1.14 9.20
N GLY A 175 18.39 -1.30 10.12
CA GLY A 175 19.37 -0.29 10.38
C GLY A 175 18.91 0.79 11.34
N LYS A 176 17.62 0.86 11.63
CA LYS A 176 17.05 1.87 12.51
C LYS A 176 16.62 1.21 13.80
N ALA A 177 16.78 1.94 14.91
CA ALA A 177 16.39 1.46 16.22
C ALA A 177 14.90 1.63 16.44
N GLN A 178 14.32 2.73 15.95
CA GLN A 178 12.90 3.04 16.19
C GLN A 178 12.01 2.44 15.09
N PHE A 179 10.79 2.13 15.46
CA PHE A 179 9.84 1.65 14.48
C PHE A 179 8.98 2.81 13.94
N ALA A 180 8.27 2.56 12.86
CA ALA A 180 7.44 3.57 12.18
C ALA A 180 6.00 3.09 12.25
N ASP A 181 5.12 3.85 12.94
CA ASP A 181 3.71 3.49 13.01
C ASP A 181 2.90 4.27 11.99
N ILE A 182 2.17 3.58 11.15
CA ILE A 182 1.35 4.10 10.06
C ILE A 182 -0.11 3.77 10.38
N GLU A 183 -0.90 4.78 10.79
CA GLU A 183 -2.32 4.56 10.95
C GLU A 183 -2.98 4.40 9.58
N PRO A 184 -3.96 3.51 9.44
CA PRO A 184 -4.64 3.24 8.14
C PRO A 184 -5.70 4.29 7.84
N LYS A 185 -5.24 5.55 7.78
CA LYS A 185 -6.09 6.73 7.68
C LYS A 185 -6.77 6.85 6.32
N PHE A 186 -7.95 7.42 6.33
CA PHE A 186 -8.67 7.66 5.09
C PHE A 186 -7.81 8.47 4.10
N ASP A 187 -7.76 8.01 2.84
CA ASP A 187 -7.16 8.73 1.73
C ASP A 187 -5.63 8.86 1.86
N ARG A 188 -5.06 7.92 2.59
CA ARG A 188 -3.60 7.84 2.84
C ARG A 188 -3.00 6.82 1.87
N LEU A 189 -1.98 7.25 1.16
CA LEU A 189 -1.19 6.42 0.25
C LEU A 189 0.17 6.17 0.90
N LEU A 190 0.60 4.94 0.89
CA LEU A 190 1.89 4.55 1.47
C LEU A 190 2.73 3.73 0.48
N PHE A 191 4.02 4.06 0.39
CA PHE A 191 5.00 3.26 -0.31
C PHE A 191 6.07 2.77 0.65
N PHE A 192 6.61 1.57 0.43
CA PHE A 192 7.80 1.13 1.15
C PHE A 192 8.48 0.02 0.40
N TRP A 193 9.80 -0.08 0.54
CA TRP A 193 10.53 -1.20 -0.10
C TRP A 193 9.95 -2.52 0.37
N SER A 194 9.76 -3.47 -0.56
CA SER A 194 9.08 -4.71 -0.22
C SER A 194 10.00 -5.75 0.37
N ASP A 195 11.31 -5.53 0.25
CA ASP A 195 12.37 -6.53 0.57
C ASP A 195 12.58 -6.57 2.09
N ARG A 196 13.61 -7.28 2.55
N ARG A 196 13.61 -7.29 2.54
CA ARG A 196 13.84 -7.47 3.98
CA ARG A 196 13.87 -7.48 3.96
C ARG A 196 14.20 -6.19 4.73
C ARG A 196 14.17 -6.19 4.72
N ARG A 197 14.38 -5.07 4.04
CA ARG A 197 14.60 -3.82 4.73
C ARG A 197 13.41 -3.43 5.57
N ASN A 198 12.20 -3.87 5.24
CA ASN A 198 10.99 -3.38 5.95
C ASN A 198 10.07 -4.51 6.43
N PRO A 199 10.51 -5.30 7.39
CA PRO A 199 9.57 -6.15 8.12
C PRO A 199 8.48 -5.29 8.72
N HIS A 200 7.28 -5.84 8.78
CA HIS A 200 6.15 -5.05 9.30
C HIS A 200 5.03 -5.94 9.77
N GLU A 201 4.16 -5.38 10.60
CA GLU A 201 3.02 -6.13 11.13
C GLU A 201 1.78 -5.24 11.08
N VAL A 202 0.63 -5.85 10.95
CA VAL A 202 -0.65 -5.14 11.16
C VAL A 202 -1.13 -5.50 12.56
N GLN A 203 -1.16 -4.51 13.48
CA GLN A 203 -1.61 -4.70 14.85
C GLN A 203 -3.11 -4.98 14.85
N PRO A 204 -3.61 -5.60 15.92
CA PRO A 204 -5.03 -5.98 15.98
C PRO A 204 -5.94 -4.82 15.65
N ALA A 205 -6.88 -5.11 14.79
CA ALA A 205 -7.89 -4.20 14.31
C ALA A 205 -9.19 -4.51 15.02
N TYR A 206 -9.86 -3.47 15.52
CA TYR A 206 -11.13 -3.65 16.23
C TYR A 206 -12.31 -3.01 15.53
N ALA A 207 -12.18 -2.64 14.29
CA ALA A 207 -13.23 -2.18 13.40
C ALA A 207 -12.89 -2.70 12.00
N THR A 208 -13.84 -2.62 11.06
CA THR A 208 -13.55 -3.07 9.70
C THR A 208 -12.49 -2.17 9.09
N ARG A 209 -11.34 -2.76 8.74
CA ARG A 209 -10.19 -2.02 8.19
C ARG A 209 -9.97 -2.45 6.74
N TYR A 210 -10.08 -1.51 5.80
CA TYR A 210 -9.89 -1.77 4.38
C TYR A 210 -8.62 -1.13 3.88
N ALA A 211 -7.97 -1.80 2.91
CA ALA A 211 -6.80 -1.24 2.25
C ALA A 211 -6.70 -1.87 0.91
N ILE A 212 -6.08 -1.21 -0.04
CA ILE A 212 -5.85 -1.73 -1.42
C ILE A 212 -4.34 -1.68 -1.65
N THR A 213 -3.72 -2.81 -1.98
CA THR A 213 -2.31 -2.87 -2.22
C THR A 213 -2.00 -3.29 -3.64
N VAL A 214 -0.99 -2.65 -4.22
CA VAL A 214 -0.36 -3.14 -5.43
C VAL A 214 1.13 -3.29 -5.15
N TRP A 215 1.76 -4.31 -5.68
CA TRP A 215 3.19 -4.41 -5.63
C TRP A 215 3.79 -4.20 -7.00
N TYR A 216 4.86 -3.44 -7.06
CA TYR A 216 5.56 -3.14 -8.31
C TYR A 216 6.78 -4.06 -8.43
N PHE A 217 7.08 -4.52 -9.67
CA PHE A 217 8.12 -5.49 -9.94
C PHE A 217 9.32 -4.83 -10.59
N ASP A 218 10.50 -5.22 -10.12
CA ASP A 218 11.74 -4.98 -10.84
C ASP A 218 11.87 -6.03 -11.96
N ALA A 219 12.14 -5.54 -13.17
CA ALA A 219 12.12 -6.40 -14.34
C ALA A 219 13.08 -7.56 -14.23
N ASP A 220 14.31 -7.25 -13.79
CA ASP A 220 15.34 -8.26 -13.78
C ASP A 220 15.09 -9.29 -12.68
N GLU A 221 14.78 -8.81 -11.48
CA GLU A 221 14.57 -9.74 -10.39
C GLU A 221 13.42 -10.65 -10.73
N ARG A 222 12.36 -10.10 -11.29
CA ARG A 222 11.14 -10.90 -11.59
C ARG A 222 11.51 -11.97 -12.61
N ALA A 223 12.33 -11.61 -13.60
CA ALA A 223 12.74 -12.53 -14.69
C ALA A 223 13.66 -13.64 -14.23
N ALA A 224 14.30 -13.49 -13.08
CA ALA A 224 15.20 -14.51 -12.54
C ALA A 224 14.44 -15.74 -12.05
N ALA A 225 13.13 -15.65 -11.91
CA ALA A 225 12.28 -16.80 -11.67
C ALA A 225 12.81 -17.60 -10.48
N LYS A 226 13.13 -16.88 -9.39
N LYS A 226 13.13 -16.90 -9.40
CA LYS A 226 13.50 -17.55 -8.15
CA LYS A 226 13.52 -17.62 -8.18
C LYS A 226 12.34 -18.32 -7.54
C LYS A 226 12.34 -18.32 -7.53
N VAL A 227 11.12 -17.99 -7.92
CA VAL A 227 9.89 -18.62 -7.42
C VAL A 227 9.17 -19.22 -8.63
N LYS A 228 8.93 -20.53 -8.60
CA LYS A 228 8.07 -21.15 -9.57
C LYS A 228 6.73 -21.51 -8.96
N TYR A 229 5.67 -21.05 -9.59
CA TYR A 229 4.33 -21.25 -9.08
C TYR A 229 3.77 -22.46 -9.82
N LEU A 230 3.46 -23.51 -9.08
CA LEU A 230 2.82 -24.69 -9.63
C LEU A 230 1.35 -24.67 -9.26
N THR A 231 0.55 -25.38 -10.05
CA THR A 231 -0.92 -25.33 -9.87
C THR A 231 -1.59 -26.70 -9.93
N VAL B 3 4.91 21.69 2.99
CA VAL B 3 6.18 21.57 3.68
C VAL B 3 6.56 20.14 4.13
N TRP B 4 7.66 19.64 3.64
CA TRP B 4 8.13 18.34 4.05
C TRP B 4 9.22 18.51 5.09
N LEU B 5 8.97 18.00 6.29
CA LEU B 5 9.99 17.88 7.31
C LEU B 5 10.81 16.65 6.92
N THR B 6 12.05 16.86 6.46
CA THR B 6 12.76 15.79 5.76
C THR B 6 13.20 14.66 6.70
N ASP B 7 13.21 14.89 8.01
CA ASP B 7 13.46 13.78 8.93
C ASP B 7 12.21 12.89 9.09
N THR B 8 11.11 13.28 8.51
CA THR B 8 9.86 12.51 8.59
C THR B 8 9.58 11.88 7.24
N TRP B 9 8.49 11.11 7.20
CA TRP B 9 8.10 10.40 5.95
C TRP B 9 6.62 10.56 5.73
N VAL B 10 6.06 11.71 6.08
CA VAL B 10 4.68 12.03 5.83
C VAL B 10 4.58 13.41 5.22
N LEU B 11 3.76 13.52 4.20
CA LEU B 11 3.36 14.79 3.60
C LEU B 11 1.93 14.77 3.13
N SER B 12 1.19 15.86 3.42
CA SER B 12 -0.14 15.99 2.87
C SER B 12 -0.08 16.61 1.48
N ARG B 13 -0.78 15.96 0.54
CA ARG B 13 -0.80 16.41 -0.82
C ARG B 13 -1.50 17.74 -0.97
N THR B 14 -2.30 18.10 0.01
CA THR B 14 -3.14 19.30 -0.10
C THR B 14 -2.79 20.29 0.98
#